data_3SDW
#
_entry.id   3SDW
#
_cell.length_a   77.700
_cell.length_b   85.220
_cell.length_c   96.290
_cell.angle_alpha   90.000
_cell.angle_beta   90.000
_cell.angle_gamma   90.000
#
_symmetry.space_group_name_H-M   'F 2 2 2'
#
loop_
_entity.id
_entity.type
_entity.pdbx_description
1 polymer 'ribose 5-phosphate isomerase'
2 non-polymer 'PHOSPHATE ION'
3 non-polymer 1,2-ETHANEDIOL
4 non-polymer 'CHLORIDE ION'
5 water water
#
_entity_poly.entity_id   1
_entity_poly.type   'polypeptide(L)'
_entity_poly.pdbx_seq_one_letter_code
;MAHHHHHHMGTLEAQTQGPGSMAATPLPPLRLAIACDDAGVSYKEALKAHLSDNPLVSSITDVGVTSTTDKTAYPHVAIQ
AAQLIKDGKVDRALMICGTGLGVAISANKVPGIRAVTAHDTFSVERAILSNDAQVLCFGQRVIGIELAKRLAGEWLTYRF
DQKSASAQKVQAISDYEKKFVEVN
;
_entity_poly.pdbx_strand_id   A
#
loop_
_chem_comp.id
_chem_comp.type
_chem_comp.name
_chem_comp.formula
CL non-polymer 'CHLORIDE ION' 'Cl -1'
EDO non-polymer 1,2-ETHANEDIOL 'C2 H6 O2'
PO4 non-polymer 'PHOSPHATE ION' 'O4 P -3'
#
# COMPACT_ATOMS: atom_id res chain seq x y z
N LEU A 27 -19.59 -1.13 -4.94
CA LEU A 27 -18.48 -0.26 -4.47
C LEU A 27 -17.78 0.39 -5.64
N PRO A 28 -17.45 1.69 -5.52
CA PRO A 28 -16.71 2.31 -6.61
C PRO A 28 -15.28 1.76 -6.72
N PRO A 29 -14.74 1.72 -7.93
CA PRO A 29 -13.36 1.27 -8.09
C PRO A 29 -12.35 2.28 -7.55
N LEU A 30 -11.18 1.77 -7.20
CA LEU A 30 -10.11 2.59 -6.63
C LEU A 30 -8.91 2.65 -7.56
N ARG A 31 -8.24 3.81 -7.56
CA ARG A 31 -6.95 3.98 -8.26
C ARG A 31 -5.86 3.42 -7.39
N LEU A 32 -5.01 2.56 -7.95
CA LEU A 32 -3.90 1.97 -7.19
C LEU A 32 -2.55 2.36 -7.74
N ALA A 33 -1.59 2.54 -6.84
CA ALA A 33 -0.20 2.56 -7.24
C ALA A 33 0.39 1.22 -6.83
N ILE A 34 1.37 0.75 -7.58
CA ILE A 34 2.09 -0.47 -7.21
C ILE A 34 3.59 -0.20 -7.32
N ALA A 35 4.35 -0.81 -6.41
CA ALA A 35 5.77 -0.52 -6.28
C ALA A 35 6.47 -1.75 -5.76
N CYS A 36 7.69 -1.96 -6.21
CA CYS A 36 8.53 -2.99 -5.60
C CYS A 36 10.00 -2.62 -5.69
N ASP A 37 10.86 -3.28 -4.90
CA ASP A 37 12.28 -3.27 -5.24
C ASP A 37 12.66 -4.55 -6.03
N ASP A 38 13.96 -4.80 -6.20
CA ASP A 38 14.42 -5.92 -7.03
C ASP A 38 13.99 -7.28 -6.43
N ALA A 39 13.76 -7.30 -5.13
CA ALA A 39 13.38 -8.53 -4.41
C ALA A 39 11.90 -8.87 -4.56
N GLY A 40 11.14 -7.95 -5.14
CA GLY A 40 9.70 -8.11 -5.23
C GLY A 40 9.12 -8.09 -6.63
N VAL A 41 9.99 -8.17 -7.64
CA VAL A 41 9.57 -8.02 -9.03
C VAL A 41 8.57 -9.09 -9.51
N SER A 42 8.88 -10.37 -9.33
CA SER A 42 7.97 -11.39 -9.86
C SER A 42 6.60 -11.39 -9.19
N TYR A 43 6.56 -11.15 -7.87
CA TYR A 43 5.26 -11.06 -7.21
C TYR A 43 4.52 -9.81 -7.68
N LYS A 44 5.24 -8.68 -7.87
CA LYS A 44 4.60 -7.46 -8.35
C LYS A 44 3.91 -7.68 -9.69
N GLU A 45 4.64 -8.32 -10.62
CA GLU A 45 4.07 -8.63 -11.94
C GLU A 45 2.84 -9.53 -11.85
N ALA A 46 2.89 -10.56 -11.01
CA ALA A 46 1.77 -11.47 -10.84
C ALA A 46 0.58 -10.74 -10.23
N LEU A 47 0.84 -9.88 -9.25
CA LEU A 47 -0.21 -9.14 -8.57
C LEU A 47 -0.86 -8.15 -9.54
N LYS A 48 -0.03 -7.48 -10.34
CA LYS A 48 -0.50 -6.51 -11.32
C LYS A 48 -1.42 -7.22 -12.33
N ALA A 49 -0.99 -8.37 -12.84
CA ALA A 49 -1.81 -9.19 -13.74
C ALA A 49 -3.15 -9.60 -13.09
N HIS A 50 -3.06 -10.06 -11.85
CA HIS A 50 -4.23 -10.47 -11.07
C HIS A 50 -5.24 -9.34 -10.90
N LEU A 51 -4.76 -8.12 -10.69
CA LEU A 51 -5.64 -7.00 -10.34
C LEU A 51 -6.09 -6.18 -11.55
N SER A 52 -5.47 -6.43 -12.69
CA SER A 52 -5.84 -5.68 -13.88
CA SER A 52 -5.79 -5.77 -13.96
C SER A 52 -7.19 -6.12 -14.45
N ASP A 53 -7.70 -7.27 -14.02
CA ASP A 53 -9.02 -7.72 -14.47
C ASP A 53 -10.13 -7.45 -13.42
N ASN A 54 -9.74 -6.86 -12.31
CA ASN A 54 -10.64 -6.68 -11.15
C ASN A 54 -11.49 -5.41 -11.28
N PRO A 55 -12.84 -5.54 -11.23
CA PRO A 55 -13.69 -4.36 -11.42
C PRO A 55 -13.59 -3.31 -10.30
N LEU A 56 -12.97 -3.66 -9.16
CA LEU A 56 -12.77 -2.71 -8.05
C LEU A 56 -11.52 -1.86 -8.25
N VAL A 57 -10.81 -2.08 -9.35
CA VAL A 57 -9.61 -1.31 -9.66
C VAL A 57 -9.83 -0.49 -10.91
N SER A 58 -9.76 0.84 -10.78
CA SER A 58 -9.96 1.72 -11.95
C SER A 58 -8.71 1.89 -12.83
N SER A 59 -7.53 1.94 -12.20
CA SER A 59 -6.24 2.10 -12.90
C SER A 59 -5.13 1.65 -11.96
N ILE A 60 -3.99 1.25 -12.54
CA ILE A 60 -2.79 0.90 -11.77
C ILE A 60 -1.63 1.74 -12.29
N THR A 61 -1.02 2.51 -11.39
CA THR A 61 0.16 3.29 -11.70
C THR A 61 1.37 2.54 -11.13
N ASP A 62 2.24 2.07 -12.01
CA ASP A 62 3.40 1.28 -11.57
C ASP A 62 4.60 2.20 -11.48
N VAL A 63 5.11 2.42 -10.27
CA VAL A 63 6.26 3.31 -10.10
C VAL A 63 7.62 2.59 -10.25
N GLY A 64 7.55 1.29 -10.52
CA GLY A 64 8.74 0.42 -10.63
C GLY A 64 9.10 -0.22 -9.28
N VAL A 65 10.24 -0.91 -9.20
CA VAL A 65 11.11 -1.15 -10.37
C VAL A 65 10.50 -2.16 -11.35
N THR A 66 11.02 -2.20 -12.57
CA THR A 66 10.45 -3.08 -13.60
C THR A 66 11.37 -4.22 -14.02
N SER A 67 12.53 -4.33 -13.34
CA SER A 67 13.49 -5.39 -13.64
C SER A 67 14.27 -5.69 -12.38
N THR A 68 14.60 -6.96 -12.17
CA THR A 68 15.51 -7.35 -11.09
C THR A 68 16.90 -6.71 -11.22
N THR A 69 17.24 -6.18 -12.39
CA THR A 69 18.54 -5.51 -12.59
C THR A 69 18.61 -4.11 -11.97
N ASP A 70 17.45 -3.54 -11.69
CA ASP A 70 17.34 -2.23 -11.09
C ASP A 70 17.50 -2.33 -9.57
N LYS A 71 18.64 -1.84 -9.07
CA LYS A 71 18.98 -1.97 -7.66
C LYS A 71 18.59 -0.77 -6.81
N THR A 72 17.69 0.07 -7.33
CA THR A 72 17.21 1.24 -6.58
C THR A 72 16.67 0.81 -5.22
N ALA A 73 17.11 1.50 -4.18
CA ALA A 73 16.75 1.11 -2.81
C ALA A 73 15.25 1.28 -2.57
N TYR A 74 14.67 0.36 -1.81
CA TYR A 74 13.21 0.38 -1.58
C TYR A 74 12.60 1.71 -1.08
N PRO A 75 13.35 2.51 -0.27
CA PRO A 75 12.65 3.70 0.22
C PRO A 75 12.21 4.66 -0.89
N HIS A 76 13.04 4.85 -1.93
CA HIS A 76 12.66 5.74 -3.05
C HIS A 76 11.36 5.30 -3.69
N VAL A 77 11.23 4.01 -3.98
CA VAL A 77 10.00 3.55 -4.66
C VAL A 77 8.78 3.65 -3.73
N ALA A 78 8.97 3.31 -2.46
CA ALA A 78 7.88 3.43 -1.48
C ALA A 78 7.45 4.89 -1.28
N ILE A 79 8.42 5.80 -1.21
CA ILE A 79 8.08 7.23 -1.01
C ILE A 79 7.35 7.79 -2.24
N GLN A 80 7.81 7.42 -3.43
CA GLN A 80 7.17 7.87 -4.67
CA GLN A 80 7.17 7.90 -4.65
C GLN A 80 5.71 7.43 -4.74
N ALA A 81 5.47 6.14 -4.43
CA ALA A 81 4.11 5.62 -4.49
C ALA A 81 3.22 6.23 -3.38
N ALA A 82 3.79 6.42 -2.20
CA ALA A 82 3.04 7.05 -1.07
C ALA A 82 2.69 8.51 -1.40
N GLN A 83 3.64 9.20 -2.03
CA GLN A 83 3.39 10.60 -2.45
C GLN A 83 2.25 10.71 -3.48
N LEU A 84 2.09 9.70 -4.33
CA LEU A 84 0.94 9.67 -5.25
C LEU A 84 -0.40 9.70 -4.51
N ILE A 85 -0.43 9.06 -3.35
CA ILE A 85 -1.65 9.07 -2.53
C ILE A 85 -1.83 10.47 -1.91
N LYS A 86 -0.79 10.96 -1.25
CA LYS A 86 -0.83 12.29 -0.62
C LYS A 86 -1.28 13.37 -1.61
N ASP A 87 -0.80 13.26 -2.85
CA ASP A 87 -1.03 14.26 -3.87
C ASP A 87 -2.31 14.05 -4.70
N GLY A 88 -3.15 13.11 -4.27
CA GLY A 88 -4.46 12.89 -4.88
C GLY A 88 -4.46 12.20 -6.24
N LYS A 89 -3.35 11.57 -6.59
CA LYS A 89 -3.25 10.87 -7.88
C LYS A 89 -3.71 9.41 -7.84
N VAL A 90 -3.61 8.77 -6.67
CA VAL A 90 -4.18 7.41 -6.48
C VAL A 90 -4.84 7.34 -5.10
N ASP A 91 -5.60 6.26 -4.85
CA ASP A 91 -6.31 6.08 -3.59
C ASP A 91 -5.55 5.21 -2.61
N ARG A 92 -4.86 4.19 -3.14
CA ARG A 92 -4.10 3.24 -2.32
C ARG A 92 -2.86 2.76 -3.05
N ALA A 93 -1.92 2.16 -2.32
CA ALA A 93 -0.73 1.60 -2.96
C ALA A 93 -0.47 0.20 -2.43
N LEU A 94 -0.11 -0.72 -3.34
CA LEU A 94 0.34 -2.04 -2.97
C LEU A 94 1.86 -2.08 -3.16
N MET A 95 2.61 -2.49 -2.13
CA MET A 95 4.09 -2.49 -2.24
C MET A 95 4.72 -3.83 -1.88
N ILE A 96 5.74 -4.24 -2.66
CA ILE A 96 6.35 -5.55 -2.45
C ILE A 96 7.87 -5.43 -2.33
N CYS A 97 8.44 -5.97 -1.28
CA CYS A 97 9.89 -6.13 -1.25
C CYS A 97 10.24 -7.51 -0.64
N GLY A 98 11.51 -7.75 -0.28
CA GLY A 98 11.83 -9.07 0.28
C GLY A 98 10.92 -9.50 1.43
N THR A 99 10.75 -8.63 2.43
CA THR A 99 9.93 -8.95 3.62
C THR A 99 8.66 -8.13 3.73
N GLY A 100 8.59 -7.06 2.95
CA GLY A 100 7.49 -6.08 3.03
C GLY A 100 7.65 -5.08 4.16
N LEU A 101 8.76 -5.16 4.92
CA LEU A 101 8.92 -4.29 6.09
C LEU A 101 9.50 -2.90 5.74
N GLY A 102 10.55 -2.88 4.92
CA GLY A 102 11.22 -1.60 4.53
C GLY A 102 10.28 -0.65 3.82
N VAL A 103 9.52 -1.18 2.84
CA VAL A 103 8.54 -0.33 2.16
C VAL A 103 7.47 0.25 3.12
N ALA A 104 6.99 -0.55 4.07
CA ALA A 104 6.00 -0.06 5.07
C ALA A 104 6.57 1.05 5.97
N ILE A 105 7.78 0.85 6.47
CA ILE A 105 8.44 1.86 7.27
C ILE A 105 8.52 3.18 6.49
N SER A 106 9.00 3.10 5.23
CA SER A 106 9.27 4.26 4.40
C SER A 106 7.98 5.04 4.09
N ALA A 107 6.93 4.32 3.73
CA ALA A 107 5.65 4.94 3.38
C ALA A 107 5.03 5.66 4.58
N ASN A 108 5.20 5.08 5.77
CA ASN A 108 4.72 5.75 6.99
C ASN A 108 5.44 7.07 7.30
N LYS A 109 6.58 7.33 6.69
CA LYS A 109 7.24 8.63 6.94
C LYS A 109 6.56 9.78 6.19
N VAL A 110 5.74 9.44 5.18
CA VAL A 110 5.04 10.47 4.41
C VAL A 110 3.84 10.99 5.19
N PRO A 111 3.72 12.32 5.34
CA PRO A 111 2.60 12.88 6.12
C PRO A 111 1.23 12.41 5.61
N GLY A 112 0.39 11.98 6.55
CA GLY A 112 -0.97 11.54 6.24
C GLY A 112 -1.09 10.14 5.64
N ILE A 113 0.04 9.47 5.46
CA ILE A 113 0.06 8.11 4.88
C ILE A 113 0.23 7.06 5.98
N ARG A 114 -0.60 6.02 5.93
CA ARG A 114 -0.53 4.96 6.93
C ARG A 114 -0.36 3.65 6.17
N ALA A 115 0.70 2.93 6.52
CA ALA A 115 1.15 1.75 5.78
C ALA A 115 1.35 0.54 6.71
N VAL A 116 0.95 -0.63 6.22
CA VAL A 116 1.10 -1.89 6.97
C VAL A 116 1.77 -2.99 6.13
N THR A 117 2.42 -3.91 6.84
CA THR A 117 2.79 -5.22 6.26
C THR A 117 1.77 -6.20 6.84
N ALA A 118 1.11 -6.95 5.96
CA ALA A 118 0.06 -7.89 6.41
C ALA A 118 0.04 -9.13 5.55
N HIS A 119 0.01 -10.29 6.19
CA HIS A 119 0.07 -11.57 5.51
C HIS A 119 -1.08 -12.50 5.94
N ASP A 120 -2.12 -11.95 6.59
CA ASP A 120 -3.29 -12.75 6.98
C ASP A 120 -4.57 -11.98 6.76
N THR A 121 -5.66 -12.72 6.56
CA THR A 121 -6.95 -12.13 6.14
C THR A 121 -7.57 -11.19 7.21
N PHE A 122 -7.38 -11.54 8.49
CA PHE A 122 -7.92 -10.69 9.55
C PHE A 122 -7.19 -9.33 9.60
N SER A 123 -5.86 -9.37 9.57
CA SER A 123 -5.07 -8.13 9.57
C SER A 123 -5.36 -7.24 8.36
N VAL A 124 -5.54 -7.86 7.18
CA VAL A 124 -5.75 -7.07 5.96
C VAL A 124 -7.09 -6.32 6.08
N GLU A 125 -8.10 -6.99 6.61
CA GLU A 125 -9.39 -6.35 6.88
C GLU A 125 -9.25 -5.17 7.83
N ARG A 126 -8.55 -5.41 8.94
CA ARG A 126 -8.43 -4.37 9.97
C ARG A 126 -7.57 -3.20 9.48
N ALA A 127 -6.55 -3.49 8.66
CA ALA A 127 -5.73 -2.40 8.05
C ALA A 127 -6.63 -1.34 7.43
N ILE A 128 -7.69 -1.77 6.76
CA ILE A 128 -8.66 -0.82 6.23
C ILE A 128 -9.65 -0.31 7.29
N LEU A 129 -10.38 -1.25 7.90
CA LEU A 129 -11.56 -0.89 8.70
C LEU A 129 -11.22 -0.24 10.03
N SER A 130 -10.05 -0.59 10.58
CA SER A 130 -9.53 0.06 11.81
C SER A 130 -8.54 1.17 11.52
N ASN A 131 -7.55 0.91 10.66
CA ASN A 131 -6.41 1.86 10.55
C ASN A 131 -6.53 2.87 9.44
N ASP A 132 -7.53 2.69 8.57
CA ASP A 132 -7.65 3.51 7.35
C ASP A 132 -6.28 3.58 6.60
N ALA A 133 -5.62 2.42 6.49
CA ALA A 133 -4.26 2.42 5.94
C ALA A 133 -4.37 2.36 4.44
N GLN A 134 -3.83 3.39 3.76
CA GLN A 134 -3.90 3.41 2.29
C GLN A 134 -2.88 2.48 1.64
N VAL A 135 -1.91 2.00 2.42
CA VAL A 135 -0.82 1.23 1.84
C VAL A 135 -0.77 -0.18 2.45
N LEU A 136 -0.72 -1.19 1.56
CA LEU A 136 -0.55 -2.60 2.00
C LEU A 136 0.75 -3.13 1.42
N CYS A 137 1.57 -3.79 2.24
CA CYS A 137 2.86 -4.29 1.82
C CYS A 137 2.97 -5.80 2.05
N PHE A 138 3.65 -6.46 1.12
CA PHE A 138 3.94 -7.90 1.16
C PHE A 138 5.45 -8.18 1.06
N GLY A 139 5.85 -9.30 1.67
CA GLY A 139 7.23 -9.82 1.57
C GLY A 139 7.28 -11.03 0.64
N GLN A 140 7.84 -10.83 -0.56
CA GLN A 140 7.94 -11.91 -1.55
C GLN A 140 8.70 -13.12 -0.98
N ARG A 141 9.73 -12.87 -0.17
CA ARG A 141 10.55 -13.96 0.40
C ARG A 141 9.86 -14.73 1.55
N VAL A 142 8.74 -14.21 2.06
CA VAL A 142 8.11 -14.85 3.24
C VAL A 142 6.68 -15.37 3.04
N ILE A 143 5.97 -14.79 2.09
CA ILE A 143 4.59 -15.20 1.78
C ILE A 143 4.55 -15.85 0.38
N GLY A 144 3.53 -16.70 0.15
CA GLY A 144 3.34 -17.36 -1.14
C GLY A 144 2.45 -16.50 -2.03
N ILE A 145 2.61 -16.68 -3.33
CA ILE A 145 1.96 -15.79 -4.29
C ILE A 145 0.42 -15.91 -4.33
N GLU A 146 -0.11 -17.12 -4.15
CA GLU A 146 -1.57 -17.27 -4.15
C GLU A 146 -2.22 -16.64 -2.92
N LEU A 147 -1.58 -16.79 -1.78
CA LEU A 147 -2.04 -16.08 -0.59
C LEU A 147 -1.99 -14.56 -0.78
N ALA A 148 -0.90 -14.07 -1.40
CA ALA A 148 -0.77 -12.62 -1.62
C ALA A 148 -1.86 -12.08 -2.56
N LYS A 149 -2.10 -12.81 -3.66
CA LYS A 149 -3.15 -12.44 -4.60
C LYS A 149 -4.52 -12.41 -3.90
N ARG A 150 -4.80 -13.45 -3.11
CA ARG A 150 -6.06 -13.55 -2.39
C ARG A 150 -6.27 -12.36 -1.44
N LEU A 151 -5.23 -12.04 -0.68
CA LEU A 151 -5.30 -10.94 0.29
C LEU A 151 -5.48 -9.60 -0.41
N ALA A 152 -4.79 -9.39 -1.52
CA ALA A 152 -4.95 -8.12 -2.27
C ALA A 152 -6.37 -7.96 -2.78
N GLY A 153 -6.96 -9.06 -3.26
CA GLY A 153 -8.37 -9.00 -3.73
C GLY A 153 -9.32 -8.65 -2.59
N GLU A 154 -9.16 -9.31 -1.45
CA GLU A 154 -10.02 -9.02 -0.30
C GLU A 154 -9.88 -7.56 0.17
N TRP A 155 -8.65 -7.07 0.23
CA TRP A 155 -8.31 -5.69 0.66
C TRP A 155 -9.22 -4.66 -0.04
N LEU A 156 -9.40 -4.82 -1.35
CA LEU A 156 -10.22 -3.88 -2.14
C LEU A 156 -11.72 -3.84 -1.74
N THR A 157 -12.21 -4.91 -1.13
CA THR A 157 -13.64 -5.02 -0.79
C THR A 157 -14.01 -4.28 0.51
N TYR A 158 -13.02 -3.84 1.29
CA TYR A 158 -13.29 -3.13 2.54
C TYR A 158 -13.12 -1.64 2.30
N ARG A 159 -13.96 -0.83 2.94
CA ARG A 159 -13.89 0.61 2.84
C ARG A 159 -14.08 1.23 4.19
N PHE A 160 -13.12 2.07 4.58
CA PHE A 160 -13.10 2.67 5.93
C PHE A 160 -14.32 3.58 6.16
N ASP A 161 -14.87 3.50 7.36
CA ASP A 161 -16.01 4.34 7.76
C ASP A 161 -15.50 5.52 8.58
N GLN A 162 -15.53 6.72 8.00
CA GLN A 162 -15.02 7.93 8.67
CA GLN A 162 -15.00 7.90 8.68
C GLN A 162 -15.75 8.27 9.96
N LYS A 163 -16.96 7.73 10.11
CA LYS A 163 -17.76 7.97 11.33
C LYS A 163 -17.63 6.85 12.39
N SER A 164 -16.80 5.84 12.11
CA SER A 164 -16.59 4.76 13.06
C SER A 164 -15.80 5.21 14.29
N ALA A 165 -15.88 4.42 15.37
CA ALA A 165 -15.06 4.64 16.55
C ALA A 165 -13.56 4.56 16.24
N SER A 166 -13.18 3.75 15.24
CA SER A 166 -11.76 3.69 14.85
C SER A 166 -11.21 5.02 14.35
N ALA A 167 -12.07 5.84 13.74
CA ALA A 167 -11.67 7.16 13.27
C ALA A 167 -11.07 8.08 14.35
N GLN A 168 -11.58 7.98 15.59
CA GLN A 168 -11.05 8.76 16.71
C GLN A 168 -9.64 8.32 17.09
N LYS A 169 -9.36 7.02 16.89
CA LYS A 169 -7.98 6.49 17.10
C LYS A 169 -7.02 6.93 16.00
N VAL A 170 -7.45 6.81 14.74
CA VAL A 170 -6.66 7.31 13.62
C VAL A 170 -6.38 8.81 13.80
N GLN A 171 -7.36 9.54 14.34
CA GLN A 171 -7.21 10.98 14.57
C GLN A 171 -6.02 11.34 15.49
N ALA A 172 -5.74 10.47 16.47
CA ALA A 172 -4.59 10.69 17.37
C ALA A 172 -3.26 10.58 16.63
N ILE A 173 -3.20 9.71 15.63
CA ILE A 173 -2.01 9.66 14.75
C ILE A 173 -1.88 10.96 13.97
N SER A 174 -2.99 11.40 13.36
CA SER A 174 -3.01 12.67 12.61
C SER A 174 -2.66 13.88 13.49
N ASP A 175 -3.11 13.87 14.74
CA ASP A 175 -2.81 14.93 15.69
C ASP A 175 -1.29 15.07 15.87
N TYR A 176 -0.62 13.93 16.04
CA TYR A 176 0.85 13.89 16.23
C TYR A 176 1.54 14.46 14.99
N GLU A 177 1.03 14.10 13.80
CA GLU A 177 1.64 14.59 12.55
C GLU A 177 1.59 16.13 12.39
N LYS A 178 0.66 16.78 13.11
CA LYS A 178 0.55 18.23 13.14
C LYS A 178 1.78 18.93 13.73
N LYS A 179 2.63 18.18 14.44
CA LYS A 179 3.86 18.72 15.03
C LYS A 179 4.90 19.19 14.00
N PHE A 180 4.77 18.72 12.76
CA PHE A 180 5.88 18.81 11.82
C PHE A 180 5.53 19.69 10.62
N VAL A 181 6.51 20.47 10.19
CA VAL A 181 6.38 21.21 8.95
C VAL A 181 7.46 20.78 7.96
N GLU A 182 7.06 20.66 6.71
CA GLU A 182 7.93 20.22 5.62
C GLU A 182 8.61 21.46 5.06
N VAL A 183 9.93 21.55 5.24
CA VAL A 183 10.69 22.75 4.82
C VAL A 183 11.53 22.48 3.56
N ASN A 184 11.66 21.22 3.18
CA ASN A 184 12.55 20.80 2.11
C ASN A 184 11.99 19.59 1.39
P PO4 B . 17.76 -5.32 2.34
O1 PO4 B . 18.36 -5.53 0.97
O2 PO4 B . 18.68 -4.44 3.15
O3 PO4 B . 16.36 -4.73 2.25
O4 PO4 B . 17.66 -6.68 3.00
C1 EDO C . -7.55 3.38 2.98
O1 EDO C . -8.71 3.01 3.75
C2 EDO C . -7.89 4.27 1.79
O2 EDO C . -8.75 3.59 0.85
C1 EDO D . 6.94 12.68 10.72
C1 EDO D . 7.42 13.06 10.73
O1 EDO D . 5.74 11.93 10.92
O1 EDO D . 7.84 11.73 11.02
C2 EDO D . 7.36 12.61 9.26
C2 EDO D . 7.15 13.17 9.23
O2 EDO D . 8.16 11.45 9.02
O2 EDO D . 6.21 12.16 8.85
CL CL E . -4.89 -15.72 6.26
#